data_8CK8
#
_entry.id   8CK8
#
_cell.length_a   72.353
_cell.length_b   83.731
_cell.length_c   41.170
_cell.angle_alpha   90.00
_cell.angle_beta   106.70
_cell.angle_gamma   90.00
#
_symmetry.space_group_name_H-M   'C 1 2 1'
#
loop_
_entity.id
_entity.type
_entity.pdbx_description
1 polymer 'Endothelial PAS domain-containing protein 1'
2 polymer 'Aryl hydrocarbon receptor nuclear translocator'
3 non-polymer (4~{S})-1-cyclohexyloxy-5,5-bis(fluoranyl)-3-methylsulfonyl-4,6-dihydrocyclopenta[c]thiophen-4-ol
4 water water
#
loop_
_entity_poly.entity_id
_entity_poly.type
_entity_poly.pdbx_seq_one_letter_code
_entity_poly.pdbx_strand_id
1 'polypeptide(L)'
;GEFKGLDSKTFLSEHSMDMKFTYCDDRITELIGYHPEELLGRSAYEFYHALDSENMTKSHQNLCTKGQVVSGQYRMLAKH
GGYVWLETQGTVIYNPRNLQPQCIMCVNYVLSEIEKNG
;
A
2 'polypeptide(L)'
;GEFKGLNVCQPTRFISRHNIEGIFTFVDHRCVATVGYQPQELLGKNIVEFCHPEDQQLLRDSFQQVVKLKGQVLSVMFRF
RSKNQEWLWMRTSSFTFQNPYSDEIEYIICTNTNVKNSSQEG
;
B
#
# COMPACT_ATOMS: atom_id res chain seq x y z
N GLU A 2 22.52 -15.99 -9.04
CA GLU A 2 21.31 -16.06 -8.23
C GLU A 2 20.49 -14.76 -8.28
N PHE A 3 19.19 -14.86 -8.59
CA PHE A 3 18.28 -13.71 -8.71
C PHE A 3 17.28 -13.52 -7.54
N LYS A 4 16.59 -12.36 -7.50
CA LYS A 4 15.59 -11.98 -6.50
C LYS A 4 14.24 -12.60 -6.81
N GLY A 5 13.48 -12.93 -5.76
CA GLY A 5 12.14 -13.52 -5.91
C GLY A 5 11.05 -12.49 -6.10
N LEU A 6 9.79 -12.93 -6.22
CA LEU A 6 8.66 -12.02 -6.43
C LEU A 6 8.40 -11.09 -5.25
N ASP A 7 8.53 -11.57 -4.00
CA ASP A 7 8.30 -10.69 -2.85
C ASP A 7 9.42 -9.65 -2.75
N SER A 8 10.68 -10.06 -2.97
CA SER A 8 11.82 -9.15 -2.94
C SER A 8 11.73 -8.04 -4.02
N LYS A 9 11.02 -8.31 -5.12
CA LYS A 9 10.87 -7.35 -6.21
C LYS A 9 9.52 -6.61 -6.15
N THR A 10 8.87 -6.59 -4.97
CA THR A 10 7.60 -5.95 -4.78
C THR A 10 7.73 -4.78 -3.82
N PHE A 11 7.37 -3.57 -4.27
CA PHE A 11 7.37 -2.41 -3.39
C PHE A 11 6.00 -1.71 -3.41
N LEU A 12 5.67 -1.02 -2.31
CA LEU A 12 4.44 -0.24 -2.27
C LEU A 12 4.74 1.24 -2.55
N SER A 13 3.75 1.94 -3.12
CA SER A 13 3.83 3.37 -3.35
C SER A 13 2.43 3.98 -3.18
N GLU A 14 2.37 5.22 -2.74
CA GLU A 14 1.12 5.94 -2.54
C GLU A 14 1.17 7.22 -3.35
N HIS A 15 0.06 7.58 -3.97
CA HIS A 15 -0.02 8.75 -4.80
C HIS A 15 -1.26 9.58 -4.55
N SER A 16 -1.16 10.91 -4.79
CA SER A 16 -2.36 11.74 -4.76
C SER A 16 -3.08 11.56 -6.11
N MET A 17 -4.32 12.07 -6.26
CA MET A 17 -5.11 11.82 -7.47
C MET A 17 -4.51 12.36 -8.78
N ASP A 18 -3.53 13.27 -8.68
CA ASP A 18 -2.80 13.83 -9.82
C ASP A 18 -1.54 13.00 -10.19
N MET A 19 -1.39 11.76 -9.63
CA MET A 19 -0.26 10.84 -9.86
C MET A 19 1.01 11.14 -9.03
N LYS A 20 1.05 12.24 -8.25
CA LYS A 20 2.21 12.60 -7.44
C LYS A 20 2.51 11.62 -6.33
N PHE A 21 3.80 11.31 -6.09
CA PHE A 21 4.16 10.41 -4.98
C PHE A 21 3.96 11.10 -3.65
N THR A 22 3.22 10.46 -2.74
CA THR A 22 3.06 10.93 -1.36
C THR A 22 3.75 9.96 -0.36
N TYR A 23 4.15 8.77 -0.81
CA TYR A 23 4.87 7.76 -0.05
C TYR A 23 5.48 6.75 -1.02
N CYS A 24 6.65 6.24 -0.70
CA CYS A 24 7.27 5.14 -1.44
C CYS A 24 8.08 4.30 -0.48
N ASP A 25 7.99 2.98 -0.62
CA ASP A 25 8.71 2.00 0.19
C ASP A 25 10.20 2.03 -0.11
N ASP A 26 11.04 1.97 0.93
CA ASP A 26 12.50 1.96 0.81
C ASP A 26 13.07 0.87 -0.11
N ARG A 27 12.27 -0.16 -0.42
CA ARG A 27 12.69 -1.26 -1.28
C ARG A 27 13.04 -0.82 -2.71
N ILE A 28 12.40 0.28 -3.19
CA ILE A 28 12.66 0.82 -4.52
C ILE A 28 14.14 1.15 -4.76
N THR A 29 14.94 1.34 -3.67
CA THR A 29 16.36 1.63 -3.82
C THR A 29 17.12 0.40 -4.34
N GLU A 30 16.85 -0.78 -3.78
CA GLU A 30 17.52 -2.01 -4.24
C GLU A 30 17.08 -2.41 -5.65
N LEU A 31 15.90 -1.98 -6.10
CA LEU A 31 15.36 -2.37 -7.39
C LEU A 31 15.60 -1.36 -8.51
N ILE A 32 15.21 -0.10 -8.31
CA ILE A 32 15.27 0.94 -9.34
C ILE A 32 16.36 2.02 -9.05
N GLY A 33 16.87 2.08 -7.83
CA GLY A 33 17.91 3.03 -7.48
C GLY A 33 17.42 4.28 -6.77
N TYR A 34 16.14 4.63 -6.96
CA TYR A 34 15.58 5.83 -6.34
C TYR A 34 15.44 5.74 -4.84
N HIS A 35 15.48 6.90 -4.19
CA HIS A 35 15.27 7.08 -2.76
C HIS A 35 13.89 7.68 -2.58
N PRO A 36 13.08 7.15 -1.66
CA PRO A 36 11.72 7.69 -1.47
C PRO A 36 11.60 9.22 -1.38
N GLU A 37 12.57 9.88 -0.73
CA GLU A 37 12.56 11.34 -0.59
C GLU A 37 12.75 12.06 -1.92
N GLU A 38 13.57 11.50 -2.83
CA GLU A 38 13.78 12.12 -4.14
C GLU A 38 12.61 11.89 -5.13
N LEU A 39 11.61 11.09 -4.74
CA LEU A 39 10.42 10.83 -5.53
C LEU A 39 9.23 11.68 -5.05
N LEU A 40 9.18 12.01 -3.73
CA LEU A 40 8.08 12.76 -3.14
C LEU A 40 7.80 14.07 -3.86
N GLY A 41 6.53 14.29 -4.19
CA GLY A 41 6.10 15.49 -4.90
C GLY A 41 6.19 15.38 -6.41
N ARG A 42 6.94 14.39 -6.93
CA ARG A 42 7.05 14.22 -8.38
C ARG A 42 5.92 13.34 -8.90
N SER A 43 5.55 13.53 -10.16
CA SER A 43 4.49 12.74 -10.78
C SER A 43 5.03 11.41 -11.28
N ALA A 44 4.22 10.36 -11.17
CA ALA A 44 4.56 9.03 -11.67
C ALA A 44 4.79 9.03 -13.18
N TYR A 45 4.06 9.90 -13.89
CA TYR A 45 4.10 10.09 -15.32
C TYR A 45 5.49 10.45 -15.80
N GLU A 46 6.24 11.24 -15.02
CA GLU A 46 7.61 11.60 -15.39
C GLU A 46 8.55 10.39 -15.53
N PHE A 47 8.18 9.23 -14.95
CA PHE A 47 9.01 8.05 -14.96
C PHE A 47 8.67 7.00 -16.02
N TYR A 48 7.53 7.13 -16.73
CA TYR A 48 7.18 6.11 -17.73
C TYR A 48 7.98 6.26 -19.01
N HIS A 49 8.24 5.14 -19.69
CA HIS A 49 8.89 5.12 -20.99
C HIS A 49 7.91 5.75 -21.98
N ALA A 50 8.41 6.56 -22.92
CA ALA A 50 7.60 7.26 -23.91
C ALA A 50 6.57 6.36 -24.60
N LEU A 51 6.96 5.12 -24.97
CA LEU A 51 6.11 4.15 -25.65
C LEU A 51 5.00 3.54 -24.76
N ASP A 52 5.09 3.72 -23.43
CA ASP A 52 4.08 3.22 -22.50
C ASP A 52 3.14 4.29 -21.94
N SER A 53 3.36 5.56 -22.29
CA SER A 53 2.60 6.72 -21.82
C SER A 53 1.09 6.65 -22.02
N GLU A 54 0.62 6.40 -23.27
CA GLU A 54 -0.80 6.34 -23.58
C GLU A 54 -1.53 5.22 -22.82
N ASN A 55 -0.92 4.05 -22.71
CA ASN A 55 -1.53 2.93 -21.98
C ASN A 55 -1.71 3.27 -20.50
N MET A 56 -0.72 3.90 -19.87
CA MET A 56 -0.83 4.29 -18.44
C MET A 56 -1.85 5.41 -18.22
N THR A 57 -2.07 6.25 -19.22
CA THR A 57 -3.09 7.30 -19.17
C THR A 57 -4.46 6.62 -19.11
N LYS A 58 -4.68 5.63 -20.01
CA LYS A 58 -5.90 4.85 -20.08
C LYS A 58 -6.12 4.04 -18.80
N SER A 59 -5.05 3.52 -18.21
CA SER A 59 -5.11 2.76 -16.96
C SER A 59 -5.53 3.66 -15.81
N HIS A 60 -5.06 4.91 -15.80
CA HIS A 60 -5.38 5.86 -14.75
C HIS A 60 -6.84 6.30 -14.87
N GLN A 61 -7.32 6.52 -16.09
CA GLN A 61 -8.71 6.90 -16.34
C GLN A 61 -9.64 5.77 -15.91
N ASN A 62 -9.22 4.53 -16.17
CA ASN A 62 -9.97 3.33 -15.80
C ASN A 62 -10.01 3.21 -14.29
N LEU A 63 -8.84 3.37 -13.67
CA LEU A 63 -8.66 3.32 -12.22
C LEU A 63 -9.57 4.33 -11.54
N CYS A 64 -9.66 5.54 -12.08
CA CYS A 64 -10.50 6.57 -11.52
C CYS A 64 -11.98 6.20 -11.57
N THR A 65 -12.45 5.59 -12.67
CA THR A 65 -13.86 5.22 -12.79
C THR A 65 -14.21 3.88 -12.11
N LYS A 66 -13.34 2.88 -12.24
CA LYS A 66 -13.57 1.55 -11.67
C LYS A 66 -13.16 1.38 -10.20
N GLY A 67 -12.27 2.23 -9.72
CA GLY A 67 -11.79 2.19 -8.34
C GLY A 67 -10.51 1.39 -8.16
N GLN A 68 -10.28 0.41 -9.04
CA GLN A 68 -9.11 -0.44 -8.98
C GLN A 68 -8.73 -0.82 -10.40
N VAL A 69 -7.42 -0.99 -10.68
CA VAL A 69 -6.97 -1.37 -12.02
C VAL A 69 -5.69 -2.19 -11.95
N VAL A 70 -5.43 -2.97 -13.00
CA VAL A 70 -4.16 -3.66 -13.14
C VAL A 70 -3.56 -3.10 -14.42
N SER A 71 -2.38 -2.50 -14.32
CA SER A 71 -1.68 -2.00 -15.49
C SER A 71 -1.18 -3.19 -16.31
N GLY A 72 -0.77 -2.92 -17.54
CA GLY A 72 -0.10 -3.96 -18.33
C GLY A 72 1.37 -3.96 -17.94
N GLN A 73 2.20 -4.64 -18.73
CA GLN A 73 3.64 -4.58 -18.55
C GLN A 73 4.05 -3.17 -19.04
N TYR A 74 4.75 -2.42 -18.21
CA TYR A 74 5.21 -1.09 -18.58
C TYR A 74 6.67 -0.87 -18.18
N ARG A 75 7.30 0.19 -18.70
CA ARG A 75 8.70 0.45 -18.40
C ARG A 75 8.83 1.70 -17.57
N MET A 76 9.70 1.66 -16.57
CA MET A 76 9.95 2.81 -15.73
C MET A 76 11.44 3.13 -15.78
N LEU A 77 11.78 4.40 -16.02
CA LEU A 77 13.17 4.84 -16.08
C LEU A 77 13.89 4.57 -14.78
N ALA A 78 15.04 3.90 -14.83
CA ALA A 78 15.82 3.61 -13.64
C ALA A 78 16.72 4.81 -13.28
N LYS A 79 17.23 4.84 -12.05
CA LYS A 79 18.04 5.96 -11.55
C LYS A 79 19.24 6.26 -12.45
N HIS A 80 20.03 5.25 -12.79
CA HIS A 80 21.21 5.46 -13.63
C HIS A 80 21.01 4.95 -15.05
N GLY A 81 20.02 5.52 -15.72
CA GLY A 81 19.68 5.15 -17.09
C GLY A 81 19.01 3.79 -17.17
N GLY A 82 18.54 3.44 -18.36
CA GLY A 82 17.87 2.17 -18.56
C GLY A 82 16.44 2.18 -18.03
N TYR A 83 15.71 1.11 -18.29
CA TYR A 83 14.32 1.01 -17.92
C TYR A 83 14.06 -0.38 -17.39
N VAL A 84 13.28 -0.48 -16.32
CA VAL A 84 12.87 -1.79 -15.81
C VAL A 84 11.43 -2.03 -16.18
N TRP A 85 11.06 -3.29 -16.32
CA TRP A 85 9.70 -3.66 -16.64
C TRP A 85 8.97 -3.85 -15.34
N LEU A 86 7.82 -3.21 -15.18
CA LEU A 86 6.98 -3.33 -13.99
C LEU A 86 5.57 -3.78 -14.36
N GLU A 87 4.83 -4.19 -13.35
CA GLU A 87 3.43 -4.49 -13.41
C GLU A 87 2.86 -4.02 -12.07
N THR A 88 1.83 -3.16 -12.08
CA THR A 88 1.28 -2.60 -10.85
C THR A 88 -0.19 -2.93 -10.69
N GLN A 89 -0.63 -3.09 -9.44
CA GLN A 89 -2.04 -3.18 -9.13
C GLN A 89 -2.38 -1.87 -8.37
N GLY A 90 -3.23 -1.02 -8.94
CA GLY A 90 -3.61 0.24 -8.31
C GLY A 90 -4.99 0.21 -7.68
N THR A 91 -5.16 0.82 -6.51
CA THR A 91 -6.43 0.82 -5.78
C THR A 91 -6.69 2.21 -5.21
N VAL A 92 -7.88 2.77 -5.43
CA VAL A 92 -8.21 4.09 -4.90
C VAL A 92 -8.79 3.97 -3.50
N ILE A 93 -8.27 4.75 -2.57
CA ILE A 93 -8.76 4.82 -1.20
C ILE A 93 -9.67 6.05 -1.15
N TYR A 94 -10.97 5.85 -0.95
CA TYR A 94 -11.94 6.94 -0.86
C TYR A 94 -12.37 7.15 0.60
N ASN A 95 -13.11 8.24 0.87
CA ASN A 95 -13.67 8.51 2.20
C ASN A 95 -15.13 8.12 2.16
N PRO A 96 -15.52 6.97 2.73
CA PRO A 96 -16.95 6.59 2.72
C PRO A 96 -17.79 7.48 3.63
N PRO A 101 -12.09 11.02 -3.32
CA PRO A 101 -10.89 10.15 -3.28
C PRO A 101 -9.78 10.78 -2.46
N GLN A 102 -9.20 10.00 -1.53
CA GLN A 102 -8.13 10.50 -0.67
C GLN A 102 -6.79 10.27 -1.36
N CYS A 103 -6.56 9.05 -1.86
CA CYS A 103 -5.30 8.71 -2.49
C CYS A 103 -5.39 7.41 -3.33
N ILE A 104 -4.30 7.06 -4.02
CA ILE A 104 -4.16 5.84 -4.80
C ILE A 104 -3.04 4.98 -4.18
N MET A 105 -3.33 3.72 -3.89
CA MET A 105 -2.34 2.76 -3.38
C MET A 105 -1.82 1.93 -4.53
N CYS A 106 -0.51 1.75 -4.63
CA CYS A 106 0.07 0.95 -5.70
C CYS A 106 0.90 -0.21 -5.17
N VAL A 107 0.60 -1.43 -5.61
CA VAL A 107 1.41 -2.59 -5.27
C VAL A 107 2.22 -2.84 -6.53
N ASN A 108 3.50 -2.48 -6.53
CA ASN A 108 4.33 -2.55 -7.74
C ASN A 108 5.26 -3.74 -7.75
N TYR A 109 5.32 -4.43 -8.89
CA TYR A 109 6.18 -5.59 -9.03
C TYR A 109 7.09 -5.50 -10.24
N VAL A 110 8.39 -5.51 -10.01
CA VAL A 110 9.39 -5.45 -11.07
C VAL A 110 9.53 -6.81 -11.72
N LEU A 111 9.10 -6.93 -12.97
CA LEU A 111 9.19 -8.17 -13.74
C LEU A 111 10.63 -8.53 -14.10
N SER A 112 11.44 -7.50 -14.37
CA SER A 112 12.83 -7.65 -14.76
C SER A 112 13.65 -8.47 -13.77
N GLU A 113 14.74 -9.06 -14.28
CA GLU A 113 15.66 -9.88 -13.51
C GLU A 113 16.55 -8.97 -12.66
N ILE A 114 16.43 -9.06 -11.34
CA ILE A 114 17.22 -8.24 -10.43
C ILE A 114 18.07 -9.12 -9.48
N GLU A 115 19.28 -8.63 -9.10
CA GLU A 115 20.24 -9.22 -8.16
C GLU A 115 20.16 -10.71 -7.99
N THR B 12 -2.66 12.64 7.73
CA THR B 12 -2.74 11.96 9.01
C THR B 12 -2.94 10.44 8.82
N ARG B 13 -2.13 9.81 7.92
CA ARG B 13 -2.27 8.39 7.64
C ARG B 13 -0.96 7.60 7.44
N PHE B 14 -1.03 6.27 7.68
CA PHE B 14 0.12 5.40 7.45
C PHE B 14 -0.30 4.08 6.80
N ILE B 15 0.64 3.44 6.11
CA ILE B 15 0.41 2.17 5.44
C ILE B 15 0.94 1.04 6.30
N SER B 16 0.18 -0.04 6.38
CA SER B 16 0.60 -1.20 7.13
C SER B 16 0.27 -2.46 6.30
N ARG B 17 1.15 -3.46 6.35
CA ARG B 17 0.93 -4.72 5.66
C ARG B 17 0.72 -5.77 6.75
N HIS B 18 -0.26 -6.67 6.54
CA HIS B 18 -0.55 -7.69 7.55
C HIS B 18 -0.63 -9.09 6.97
N ASN B 19 -0.41 -10.10 7.82
CA ASN B 19 -0.66 -11.46 7.40
C ASN B 19 -2.18 -11.70 7.62
N ILE B 20 -2.75 -12.82 7.15
CA ILE B 20 -4.18 -13.06 7.28
C ILE B 20 -4.63 -13.07 8.75
N GLU B 21 -3.73 -13.45 9.71
CA GLU B 21 -3.98 -13.43 11.15
C GLU B 21 -4.07 -11.99 11.74
N GLY B 22 -3.55 -11.01 11.02
CA GLY B 22 -3.57 -9.61 11.44
C GLY B 22 -2.25 -9.09 11.98
N ILE B 23 -1.18 -9.88 11.89
CA ILE B 23 0.13 -9.49 12.39
C ILE B 23 0.73 -8.43 11.50
N PHE B 24 1.29 -7.39 12.10
CA PHE B 24 1.98 -6.35 11.34
C PHE B 24 3.27 -6.96 10.79
N THR B 25 3.37 -7.06 9.46
CA THR B 25 4.57 -7.53 8.75
C THR B 25 5.32 -6.36 8.04
N PHE B 26 4.70 -5.20 7.96
CA PHE B 26 5.30 -4.01 7.40
C PHE B 26 4.55 -2.79 7.99
N VAL B 27 5.28 -1.75 8.41
CA VAL B 27 4.68 -0.53 8.95
C VAL B 27 5.41 0.70 8.37
N ASP B 28 4.67 1.65 7.79
CA ASP B 28 5.30 2.85 7.25
C ASP B 28 5.54 3.85 8.41
N HIS B 29 6.70 4.53 8.37
CA HIS B 29 7.19 5.45 9.40
C HIS B 29 6.25 6.58 9.79
N ARG B 30 5.25 6.91 8.93
CA ARG B 30 4.26 7.94 9.26
C ARG B 30 3.33 7.55 10.44
N CYS B 31 3.45 6.30 10.96
CA CYS B 31 2.69 5.78 12.10
C CYS B 31 3.06 6.51 13.41
N VAL B 32 4.26 7.04 13.50
CA VAL B 32 4.65 7.75 14.69
C VAL B 32 3.75 8.98 14.86
N ALA B 33 3.54 9.75 13.81
CA ALA B 33 2.65 10.90 13.94
C ALA B 33 1.22 10.46 14.22
N THR B 34 0.76 9.45 13.50
CA THR B 34 -0.59 8.93 13.63
C THR B 34 -1.02 8.25 14.93
N VAL B 35 -0.19 7.38 15.47
CA VAL B 35 -0.57 6.65 16.68
C VAL B 35 0.47 6.71 17.78
N GLY B 36 1.64 7.20 17.46
CA GLY B 36 2.70 7.35 18.46
C GLY B 36 3.83 6.32 18.48
N TYR B 37 3.54 5.10 18.07
CA TYR B 37 4.52 4.03 18.07
C TYR B 37 5.49 4.13 16.91
N GLN B 38 6.74 3.71 17.15
CA GLN B 38 7.74 3.60 16.11
C GLN B 38 7.44 2.30 15.36
N PRO B 39 7.86 2.16 14.09
CA PRO B 39 7.58 0.90 13.37
C PRO B 39 8.03 -0.36 14.12
N GLN B 40 9.22 -0.31 14.75
CA GLN B 40 9.77 -1.43 15.51
C GLN B 40 8.87 -1.90 16.66
N GLU B 41 8.05 -0.99 17.24
CA GLU B 41 7.12 -1.34 18.32
C GLU B 41 5.82 -2.01 17.83
N LEU B 42 5.52 -1.96 16.53
CA LEU B 42 4.29 -2.57 16.01
C LEU B 42 4.58 -3.91 15.28
N LEU B 43 5.75 -4.04 14.63
CA LEU B 43 6.09 -5.25 13.88
C LEU B 43 6.05 -6.50 14.75
N GLY B 44 5.52 -7.58 14.18
CA GLY B 44 5.35 -8.83 14.91
C GLY B 44 4.09 -8.87 15.74
N LYS B 45 3.59 -7.70 16.19
CA LYS B 45 2.36 -7.66 16.99
C LYS B 45 1.14 -7.79 16.12
N ASN B 46 0.04 -8.27 16.70
CA ASN B 46 -1.22 -8.34 15.98
C ASN B 46 -1.94 -6.98 16.11
N ILE B 47 -2.66 -6.56 15.06
CA ILE B 47 -3.42 -5.30 15.07
C ILE B 47 -4.55 -5.34 16.12
N VAL B 48 -5.12 -6.52 16.39
CA VAL B 48 -6.17 -6.70 17.39
C VAL B 48 -5.65 -6.37 18.81
N GLU B 49 -4.34 -6.51 19.07
CA GLU B 49 -3.80 -6.22 20.40
C GLU B 49 -3.91 -4.73 20.79
N PHE B 50 -3.94 -3.84 19.80
CA PHE B 50 -4.07 -2.40 20.04
C PHE B 50 -5.52 -1.88 19.89
N CYS B 51 -6.48 -2.76 19.70
CA CYS B 51 -7.86 -2.44 19.44
C CYS B 51 -8.72 -2.44 20.73
N HIS B 52 -9.72 -1.55 20.76
CA HIS B 52 -10.68 -1.46 21.87
C HIS B 52 -11.42 -2.80 22.00
N PRO B 53 -11.59 -3.31 23.23
CA PRO B 53 -12.27 -4.60 23.41
C PRO B 53 -13.66 -4.72 22.76
N GLU B 54 -14.38 -3.60 22.65
CA GLU B 54 -15.70 -3.59 22.01
C GLU B 54 -15.60 -3.76 20.48
N ASP B 55 -14.49 -3.30 19.87
CA ASP B 55 -14.27 -3.40 18.42
C ASP B 55 -13.38 -4.59 17.98
N GLN B 56 -12.81 -5.38 18.93
CA GLN B 56 -11.91 -6.50 18.56
C GLN B 56 -12.54 -7.54 17.63
N GLN B 57 -13.75 -8.02 17.96
CA GLN B 57 -14.41 -9.01 17.12
C GLN B 57 -14.70 -8.46 15.73
N LEU B 58 -15.22 -7.23 15.62
CA LEU B 58 -15.51 -6.60 14.34
C LEU B 58 -14.27 -6.49 13.43
N LEU B 59 -13.13 -6.14 14.02
CA LEU B 59 -11.86 -5.99 13.31
C LEU B 59 -11.35 -7.37 12.83
N ARG B 60 -11.61 -8.43 13.61
CA ARG B 60 -11.25 -9.81 13.28
C ARG B 60 -12.11 -10.30 12.13
N ASP B 61 -13.43 -10.02 12.18
CA ASP B 61 -14.40 -10.39 11.15
C ASP B 61 -14.16 -9.64 9.85
N SER B 62 -13.63 -8.41 9.92
CA SER B 62 -13.29 -7.62 8.74
C SER B 62 -12.06 -8.21 8.05
N PHE B 63 -11.06 -8.64 8.82
CA PHE B 63 -9.85 -9.26 8.27
C PHE B 63 -10.17 -10.59 7.62
N GLN B 64 -11.11 -11.34 8.19
CA GLN B 64 -11.53 -12.61 7.62
C GLN B 64 -12.37 -12.40 6.37
N GLN B 65 -13.14 -11.31 6.30
CA GLN B 65 -13.95 -11.05 5.12
C GLN B 65 -13.21 -10.40 3.97
N VAL B 66 -12.21 -9.55 4.25
CA VAL B 66 -11.45 -8.89 3.19
C VAL B 66 -10.71 -9.92 2.29
N VAL B 67 -10.44 -11.12 2.82
CA VAL B 67 -9.85 -12.26 2.12
C VAL B 67 -10.88 -12.78 1.07
N LYS B 68 -12.15 -12.86 1.45
CA LYS B 68 -13.20 -13.36 0.59
C LYS B 68 -13.66 -12.38 -0.48
N LEU B 69 -13.28 -11.09 -0.38
CA LEU B 69 -13.79 -10.06 -1.28
C LEU B 69 -12.99 -9.83 -2.58
N LYS B 70 -12.08 -10.75 -2.94
CA LYS B 70 -11.36 -10.72 -4.22
C LYS B 70 -10.64 -9.40 -4.60
N GLY B 71 -9.93 -8.78 -3.66
CA GLY B 71 -9.19 -7.55 -3.95
C GLY B 71 -9.96 -6.26 -3.79
N GLN B 72 -11.26 -6.34 -3.44
CA GLN B 72 -12.08 -5.15 -3.20
C GLN B 72 -11.65 -4.49 -1.89
N VAL B 73 -11.97 -3.19 -1.73
CA VAL B 73 -11.64 -2.47 -0.52
C VAL B 73 -12.73 -2.65 0.53
N LEU B 74 -12.31 -2.92 1.75
CA LEU B 74 -13.23 -3.03 2.87
C LEU B 74 -12.73 -2.07 3.94
N SER B 75 -13.58 -1.15 4.38
CA SER B 75 -13.21 -0.18 5.41
C SER B 75 -13.82 -0.53 6.75
N VAL B 76 -13.02 -0.35 7.81
CA VAL B 76 -13.49 -0.59 9.17
C VAL B 76 -13.07 0.60 10.05
N MET B 77 -13.96 1.00 10.94
CA MET B 77 -13.66 2.03 11.91
C MET B 77 -13.50 1.35 13.26
N PHE B 78 -12.45 1.70 14.01
CA PHE B 78 -12.22 1.07 15.32
C PHE B 78 -11.38 2.01 16.20
N ARG B 79 -11.25 1.68 17.50
CA ARG B 79 -10.45 2.49 18.41
C ARG B 79 -9.09 1.83 18.64
N PHE B 80 -8.02 2.59 18.44
CA PHE B 80 -6.65 2.10 18.54
C PHE B 80 -5.96 2.80 19.71
N ARG B 81 -5.38 2.03 20.62
CA ARG B 81 -4.70 2.68 21.70
C ARG B 81 -3.36 3.19 21.20
N SER B 82 -3.22 4.51 21.26
CA SER B 82 -2.02 5.23 20.88
C SER B 82 -0.92 5.05 21.93
N LYS B 83 0.32 5.42 21.60
CA LYS B 83 1.42 5.34 22.56
C LYS B 83 1.19 6.34 23.73
N ASN B 84 0.47 7.45 23.47
CA ASN B 84 0.10 8.43 24.50
C ASN B 84 -1.09 7.96 25.36
N GLN B 85 -1.38 6.64 25.35
CA GLN B 85 -2.46 5.98 26.09
C GLN B 85 -3.82 6.65 25.89
N GLU B 86 -4.24 6.81 24.63
CA GLU B 86 -5.54 7.39 24.28
C GLU B 86 -6.19 6.52 23.19
N TRP B 87 -7.52 6.38 23.22
CA TRP B 87 -8.20 5.60 22.19
C TRP B 87 -8.42 6.52 21.03
N LEU B 88 -7.71 6.30 19.92
CA LEU B 88 -7.91 7.11 18.72
C LEU B 88 -8.83 6.40 17.75
N TRP B 89 -9.75 7.13 17.15
CA TRP B 89 -10.65 6.58 16.16
C TRP B 89 -9.91 6.42 14.84
N MET B 90 -9.76 5.18 14.38
CA MET B 90 -9.06 4.90 13.14
C MET B 90 -9.98 4.42 12.07
N ARG B 91 -9.69 4.76 10.80
CA ARG B 91 -10.43 4.24 9.69
C ARG B 91 -9.40 3.49 8.85
N THR B 92 -9.49 2.17 8.89
CA THR B 92 -8.58 1.31 8.16
C THR B 92 -9.26 0.87 6.88
N SER B 93 -8.69 1.23 5.72
CA SER B 93 -9.20 0.78 4.44
C SER B 93 -8.23 -0.32 3.99
N SER B 94 -8.76 -1.51 3.73
CA SER B 94 -7.91 -2.65 3.43
C SER B 94 -8.35 -3.47 2.22
N PHE B 95 -7.40 -4.22 1.65
CA PHE B 95 -7.62 -5.09 0.50
C PHE B 95 -6.54 -6.17 0.50
N THR B 96 -6.86 -7.40 0.02
CA THR B 96 -5.86 -8.46 -0.05
C THR B 96 -5.09 -8.35 -1.35
N PHE B 97 -3.78 -8.63 -1.31
CA PHE B 97 -2.95 -8.66 -2.51
C PHE B 97 -2.30 -10.02 -2.63
N GLN B 98 -2.38 -10.57 -3.82
CA GLN B 98 -1.75 -11.84 -4.14
C GLN B 98 -1.07 -11.61 -5.49
N ASN B 99 0.26 -11.81 -5.57
CA ASN B 99 0.97 -11.67 -6.85
C ASN B 99 0.45 -12.75 -7.82
N PRO B 100 -0.19 -12.34 -8.93
CA PRO B 100 -0.76 -13.34 -9.86
C PRO B 100 0.27 -14.28 -10.50
N TYR B 101 1.57 -13.90 -10.52
CA TYR B 101 2.59 -14.83 -11.03
C TYR B 101 2.91 -15.99 -10.06
N SER B 102 2.41 -15.92 -8.82
CA SER B 102 2.66 -16.94 -7.83
C SER B 102 1.38 -17.43 -7.13
N ASP B 103 1.50 -18.50 -6.33
CA ASP B 103 0.43 -18.99 -5.49
C ASP B 103 0.84 -18.91 -3.99
N GLU B 104 1.55 -17.84 -3.62
CA GLU B 104 1.92 -17.61 -2.22
C GLU B 104 0.69 -17.06 -1.50
N ILE B 105 0.57 -17.30 -0.17
CA ILE B 105 -0.60 -16.81 0.58
C ILE B 105 -0.76 -15.29 0.46
N GLU B 106 -2.01 -14.84 0.35
CA GLU B 106 -2.29 -13.42 0.21
C GLU B 106 -2.06 -12.66 1.50
N TYR B 107 -1.65 -11.41 1.37
CA TYR B 107 -1.46 -10.55 2.53
C TYR B 107 -2.30 -9.30 2.38
N ILE B 108 -2.75 -8.78 3.49
CA ILE B 108 -3.62 -7.61 3.52
C ILE B 108 -2.81 -6.33 3.54
N ILE B 109 -3.24 -5.35 2.78
CA ILE B 109 -2.60 -4.04 2.74
C ILE B 109 -3.64 -3.05 3.30
N CYS B 110 -3.24 -2.23 4.30
CA CYS B 110 -4.13 -1.25 4.94
C CYS B 110 -3.62 0.19 4.87
N THR B 111 -4.56 1.14 4.81
CA THR B 111 -4.33 2.58 4.93
C THR B 111 -5.02 2.92 6.24
N ASN B 112 -4.29 3.44 7.23
CA ASN B 112 -4.87 3.72 8.54
C ASN B 112 -4.84 5.21 8.78
N THR B 113 -6.00 5.83 9.02
CA THR B 113 -6.12 7.29 9.19
C THR B 113 -6.89 7.61 10.47
N ASN B 114 -6.50 8.64 11.22
CA ASN B 114 -7.22 9.04 12.42
C ASN B 114 -8.40 9.90 11.94
N VAL B 115 -9.63 9.44 12.15
CA VAL B 115 -10.84 10.16 11.73
C VAL B 115 -11.72 10.51 12.95
N LYS B 116 -12.73 11.37 12.75
CA LYS B 116 -13.66 11.76 13.81
C LYS B 116 -14.89 10.86 13.85
N ASN B 117 -15.53 10.79 15.02
CA ASN B 117 -16.79 10.09 15.19
C ASN B 117 -17.74 11.19 15.71
N SER B 118 -18.43 11.90 14.81
CA SER B 118 -19.31 13.00 15.25
C SER B 118 -20.73 12.96 14.64
#